data_5C0V
#
_entry.id   5C0V
#
_cell.length_a   76.730
_cell.length_b   61.461
_cell.length_c   83.202
_cell.angle_alpha   90.00
_cell.angle_beta   115.53
_cell.angle_gamma   90.00
#
_symmetry.space_group_name_H-M   'P 1 21 1'
#
loop_
_entity.id
_entity.type
_entity.pdbx_description
1 polymer 'La-related protein 1'
2 non-polymer 'SULFATE ION'
3 water water
#
_entity_poly.entity_id   1
_entity_poly.type   'polypeptide(L)'
_entity_poly.pdbx_seq_one_letter_code
;GHSGGGGGGH(MSE)QHPSHELLKENGFTQHVYHKYRRRCLNERKRLGIGQSQE(MSE)NTLFRFWSFFLRDHFNKK
(MSE)YEEFKQLALEDAKEGYRYGLECLFRYYSYGLEKKFRLDIFKDFQEETVKDYEAGQLYGLEKFWAFLKYSKAKNLD
IDPKLQEYLGKFRRLED
;
_entity_poly.pdbx_strand_id   A,B,C,D
#
loop_
_chem_comp.id
_chem_comp.type
_chem_comp.name
_chem_comp.formula
SO4 non-polymer 'SULFATE ION' 'O4 S -2'
#
# COMPACT_ATOMS: atom_id res chain seq x y z
N GLN A 12 30.14 -10.67 -31.54
CA GLN A 12 30.02 -12.12 -31.60
C GLN A 12 28.90 -12.64 -30.68
N HIS A 13 28.96 -12.29 -29.40
CA HIS A 13 27.84 -12.52 -28.49
C HIS A 13 26.66 -11.69 -28.99
N PRO A 14 25.44 -12.25 -28.93
CA PRO A 14 24.25 -11.59 -29.50
C PRO A 14 24.06 -10.16 -29.00
N SER A 15 24.33 -9.93 -27.72
CA SER A 15 24.24 -8.58 -27.16
C SER A 15 25.07 -7.57 -27.95
N HIS A 16 26.22 -8.01 -28.44
CA HIS A 16 27.10 -7.12 -29.18
C HIS A 16 26.62 -6.85 -30.60
N GLU A 17 26.21 -7.89 -31.32
CA GLU A 17 25.84 -7.72 -32.72
C GLU A 17 24.43 -7.12 -32.85
N LEU A 18 23.59 -7.33 -31.84
CA LEU A 18 22.25 -6.75 -31.85
C LEU A 18 22.30 -5.23 -31.60
N LEU A 19 23.31 -4.79 -30.86
CA LEU A 19 23.50 -3.36 -30.61
C LEU A 19 24.24 -2.62 -31.72
N LYS A 20 24.98 -3.35 -32.57
CA LYS A 20 25.69 -2.74 -33.69
C LYS A 20 24.70 -2.02 -34.62
N GLU A 21 25.20 -1.08 -35.40
CA GLU A 21 24.35 -0.34 -36.34
C GLU A 21 23.84 -1.28 -37.44
N ASN A 22 22.52 -1.28 -37.63
CA ASN A 22 21.87 -2.15 -38.62
C ASN A 22 22.11 -3.64 -38.39
N GLY A 23 22.38 -4.00 -37.13
CA GLY A 23 22.71 -5.37 -36.77
C GLY A 23 21.63 -6.10 -35.99
N PHE A 24 20.54 -5.41 -35.67
CA PHE A 24 19.42 -6.07 -35.03
C PHE A 24 18.61 -6.88 -36.04
N THR A 25 18.41 -8.16 -35.72
CA THR A 25 17.47 -8.98 -36.47
C THR A 25 16.54 -9.68 -35.48
N GLN A 26 15.26 -9.76 -35.86
CA GLN A 26 14.26 -10.45 -35.05
C GLN A 26 14.73 -11.87 -34.74
N HIS A 27 15.21 -12.60 -35.76
CA HIS A 27 15.63 -13.99 -35.57
C HIS A 27 16.72 -14.21 -34.50
N VAL A 28 17.86 -13.53 -34.64
CA VAL A 28 18.92 -13.58 -33.61
C VAL A 28 18.39 -13.23 -32.22
N TYR A 29 17.59 -12.17 -32.14
CA TYR A 29 17.15 -11.66 -30.85
C TYR A 29 16.29 -12.66 -30.11
N HIS A 30 15.33 -13.27 -30.81
CA HIS A 30 14.34 -14.11 -30.13
C HIS A 30 14.89 -15.41 -29.53
N LYS A 31 15.78 -16.10 -30.26
CA LYS A 31 16.50 -17.23 -29.68
C LYS A 31 17.30 -16.77 -28.44
N TYR A 32 18.04 -15.68 -28.59
CA TYR A 32 18.83 -15.13 -27.52
C TYR A 32 17.97 -14.85 -26.31
N ARG A 33 16.83 -14.20 -26.52
CA ARG A 33 15.94 -13.86 -25.41
C ARG A 33 15.50 -15.10 -24.63
N ARG A 34 15.05 -16.13 -25.34
CA ARG A 34 14.54 -17.33 -24.69
C ARG A 34 15.63 -18.06 -23.93
N ARG A 35 16.80 -18.17 -24.56
CA ARG A 35 17.96 -18.70 -23.86
C ARG A 35 18.18 -17.99 -22.52
N CYS A 36 18.16 -16.66 -22.52
CA CYS A 36 18.31 -15.90 -21.27
C CYS A 36 17.20 -16.17 -20.25
N LEU A 37 15.94 -16.25 -20.71
CA LEU A 37 14.82 -16.46 -19.79
C LEU A 37 14.83 -17.89 -19.24
N ASN A 38 15.15 -18.84 -20.10
CA ASN A 38 15.33 -20.24 -19.71
C ASN A 38 16.35 -20.35 -18.59
N GLU A 39 17.52 -19.71 -18.77
CA GLU A 39 18.57 -19.72 -17.77
C GLU A 39 18.15 -19.09 -16.43
N ARG A 40 17.35 -18.05 -16.49
CA ARG A 40 16.80 -17.45 -15.28
C ARG A 40 15.82 -18.40 -14.58
N LYS A 41 15.03 -19.12 -15.37
CA LYS A 41 14.13 -20.12 -14.82
C LYS A 41 14.97 -21.28 -14.25
N ARG A 42 15.94 -21.72 -15.04
CA ARG A 42 16.75 -22.87 -14.65
C ARG A 42 17.56 -22.57 -13.38
N LEU A 43 18.31 -21.47 -13.39
CA LEU A 43 19.22 -21.13 -12.29
C LEU A 43 18.58 -20.33 -11.17
N GLY A 44 17.46 -19.68 -11.46
CA GLY A 44 16.81 -18.84 -10.47
C GLY A 44 17.06 -17.34 -10.61
N ILE A 45 16.11 -16.57 -10.09
CA ILE A 45 16.20 -15.11 -10.05
C ILE A 45 17.52 -14.61 -9.45
N GLY A 46 18.25 -13.80 -10.21
CA GLY A 46 19.45 -13.19 -9.70
C GLY A 46 20.70 -14.01 -9.96
N GLN A 47 20.52 -15.24 -10.43
CA GLN A 47 21.65 -16.13 -10.64
C GLN A 47 22.13 -16.29 -12.07
N SER A 48 21.42 -15.70 -13.03
CA SER A 48 21.86 -15.84 -14.42
C SER A 48 22.61 -14.61 -14.93
N GLN A 49 23.88 -14.78 -15.26
CA GLN A 49 24.64 -13.65 -15.78
C GLN A 49 24.17 -13.34 -17.19
N GLU A 50 23.72 -14.38 -17.90
CA GLU A 50 23.12 -14.17 -19.21
C GLU A 50 21.88 -13.29 -19.09
N MSE A 51 21.08 -13.52 -18.05
CA MSE A 51 19.91 -12.68 -17.84
C MSE A 51 20.36 -11.24 -17.68
O MSE A 51 19.83 -10.33 -18.33
CB MSE A 51 19.13 -13.14 -16.60
CG MSE A 51 17.80 -12.43 -16.39
SE MSE A 51 16.58 -12.60 -17.95
CE MSE A 51 15.46 -11.09 -17.49
N ASN A 52 21.39 -11.04 -16.86
CA ASN A 52 21.92 -9.71 -16.64
C ASN A 52 22.34 -9.01 -17.94
N THR A 53 22.86 -9.79 -18.88
N THR A 53 22.87 -9.78 -18.88
CA THR A 53 23.27 -9.22 -20.15
CA THR A 53 23.26 -9.21 -20.16
C THR A 53 22.04 -8.77 -20.95
C THR A 53 22.04 -8.77 -20.95
N LEU A 54 20.93 -9.48 -20.79
CA LEU A 54 19.70 -9.12 -21.49
C LEU A 54 19.13 -7.82 -20.92
N PHE A 55 19.17 -7.67 -19.59
CA PHE A 55 18.72 -6.45 -18.95
C PHE A 55 19.52 -5.26 -19.49
N ARG A 56 20.83 -5.42 -19.58
CA ARG A 56 21.69 -4.37 -20.08
C ARG A 56 21.39 -4.09 -21.55
N PHE A 57 21.14 -5.15 -22.32
CA PHE A 57 20.83 -4.97 -23.73
C PHE A 57 19.55 -4.12 -23.87
N TRP A 58 18.51 -4.52 -23.15
CA TRP A 58 17.24 -3.81 -23.21
C TRP A 58 17.46 -2.35 -22.83
N SER A 59 18.21 -2.12 -21.75
CA SER A 59 18.46 -0.79 -21.23
C SER A 59 18.94 0.15 -22.34
N PHE A 60 19.97 -0.28 -23.06
CA PHE A 60 20.53 0.53 -24.15
C PHE A 60 19.68 0.53 -25.42
N PHE A 61 19.31 -0.65 -25.88
CA PHE A 61 18.63 -0.79 -27.17
C PHE A 61 17.31 -0.02 -27.21
N LEU A 62 16.57 -0.04 -26.11
CA LEU A 62 15.24 0.58 -26.12
C LEU A 62 15.30 2.10 -26.24
N ARG A 63 16.44 2.69 -25.89
CA ARG A 63 16.65 4.13 -26.03
C ARG A 63 16.45 4.62 -27.48
N ASP A 64 17.02 3.90 -28.43
CA ASP A 64 16.97 4.29 -29.84
C ASP A 64 15.89 3.53 -30.60
N HIS A 65 15.53 2.36 -30.11
CA HIS A 65 14.67 1.49 -30.87
C HIS A 65 13.57 0.95 -29.98
N PHE A 66 12.71 1.85 -29.50
CA PHE A 66 11.68 1.47 -28.56
C PHE A 66 10.78 0.38 -29.13
N ASN A 67 10.38 -0.55 -28.28
CA ASN A 67 9.42 -1.55 -28.66
C ASN A 67 8.61 -1.85 -27.41
N LYS A 68 7.29 -1.70 -27.53
CA LYS A 68 6.44 -1.73 -26.36
C LYS A 68 6.51 -3.08 -25.66
N LYS A 69 6.51 -4.13 -26.46
CA LYS A 69 6.43 -5.50 -25.94
C LYS A 69 7.71 -5.83 -25.18
N MSE A 70 8.83 -5.43 -25.75
CA MSE A 70 10.13 -5.62 -25.16
C MSE A 70 10.22 -4.77 -23.90
O MSE A 70 10.60 -5.24 -22.82
CB MSE A 70 11.17 -5.18 -26.19
CG MSE A 70 12.55 -5.67 -25.92
SE MSE A 70 13.66 -5.40 -27.51
CE MSE A 70 14.81 -4.08 -26.71
N TYR A 71 9.84 -3.51 -24.04
CA TYR A 71 9.82 -2.59 -22.92
C TYR A 71 9.02 -3.17 -21.76
N GLU A 72 7.82 -3.68 -22.04
CA GLU A 72 6.95 -4.13 -20.94
C GLU A 72 7.51 -5.36 -20.21
N GLU A 73 8.09 -6.29 -20.96
CA GLU A 73 8.75 -7.44 -20.35
C GLU A 73 9.97 -7.03 -19.51
N PHE A 74 10.83 -6.22 -20.11
CA PHE A 74 11.95 -5.57 -19.41
C PHE A 74 11.47 -5.06 -18.06
N LYS A 75 10.43 -4.23 -18.06
CA LYS A 75 9.93 -3.69 -16.80
C LYS A 75 9.42 -4.78 -15.85
N GLN A 76 8.67 -5.71 -16.43
CA GLN A 76 8.05 -6.79 -15.67
C GLN A 76 9.13 -7.62 -14.94
N LEU A 77 10.12 -8.10 -15.69
CA LEU A 77 11.18 -8.90 -15.11
C LEU A 77 12.00 -8.11 -14.07
N ALA A 78 12.28 -6.84 -14.37
CA ALA A 78 13.03 -5.98 -13.47
C ALA A 78 12.39 -5.89 -12.09
N LEU A 79 11.11 -5.55 -12.07
CA LEU A 79 10.36 -5.47 -10.82
C LEU A 79 10.33 -6.81 -10.07
N GLU A 80 10.13 -7.90 -10.82
CA GLU A 80 10.14 -9.24 -10.24
C GLU A 80 11.45 -9.53 -9.53
N ASP A 81 12.58 -9.41 -10.25
CA ASP A 81 13.90 -9.59 -9.62
C ASP A 81 14.11 -8.67 -8.42
N ALA A 82 13.68 -7.43 -8.53
CA ALA A 82 13.93 -6.48 -7.46
C ALA A 82 13.17 -6.88 -6.21
N LYS A 83 11.97 -7.44 -6.38
CA LYS A 83 11.19 -7.82 -5.22
C LYS A 83 11.95 -8.86 -4.40
N GLU A 84 12.72 -9.72 -5.09
CA GLU A 84 13.56 -10.68 -4.38
C GLU A 84 14.92 -10.13 -3.97
N GLY A 85 15.11 -8.82 -4.11
CA GLY A 85 16.35 -8.20 -3.67
C GLY A 85 17.46 -8.13 -4.70
N TYR A 86 17.19 -8.62 -5.91
CA TYR A 86 18.16 -8.54 -6.99
C TYR A 86 17.86 -7.34 -7.89
N ARG A 87 18.72 -6.34 -7.87
CA ARG A 87 18.37 -5.02 -8.38
C ARG A 87 18.97 -4.61 -9.73
N TYR A 88 19.86 -5.42 -10.30
CA TYR A 88 20.49 -5.02 -11.55
C TYR A 88 19.44 -4.67 -12.62
N GLY A 89 18.43 -5.52 -12.76
CA GLY A 89 17.37 -5.27 -13.73
C GLY A 89 16.70 -3.91 -13.55
N LEU A 90 16.30 -3.62 -12.34
CA LEU A 90 15.63 -2.35 -12.06
C LEU A 90 16.58 -1.16 -12.23
N GLU A 91 17.84 -1.36 -11.87
CA GLU A 91 18.89 -0.35 -12.08
C GLU A 91 19.01 -0.06 -13.58
N CYS A 92 19.04 -1.12 -14.38
CA CYS A 92 19.08 -0.96 -15.84
C CYS A 92 17.84 -0.20 -16.32
N LEU A 93 16.70 -0.44 -15.68
CA LEU A 93 15.45 0.21 -16.05
C LEU A 93 15.48 1.72 -15.79
N PHE A 94 15.95 2.09 -14.60
CA PHE A 94 16.09 3.50 -14.23
C PHE A 94 17.10 4.22 -15.13
N ARG A 95 18.17 3.53 -15.54
CA ARG A 95 19.10 4.15 -16.48
C ARG A 95 18.44 4.32 -17.82
N TYR A 96 17.61 3.37 -18.23
CA TYR A 96 16.87 3.54 -19.49
C TYR A 96 15.94 4.76 -19.41
N TYR A 97 15.23 4.90 -18.31
CA TYR A 97 14.34 6.07 -18.12
C TYR A 97 15.14 7.38 -18.18
N SER A 98 16.12 7.48 -17.29
CA SER A 98 16.91 8.68 -17.10
C SER A 98 17.67 9.07 -18.37
N TYR A 99 18.44 8.15 -18.92
CA TYR A 99 19.18 8.47 -20.13
C TYR A 99 18.32 8.47 -21.40
N GLY A 100 17.37 7.54 -21.49
CA GLY A 100 16.56 7.48 -22.68
C GLY A 100 15.67 8.71 -22.85
N LEU A 101 15.08 9.19 -21.75
CA LEU A 101 14.13 10.30 -21.88
C LEU A 101 14.82 11.63 -22.23
N GLU A 102 16.06 11.80 -21.78
CA GLU A 102 16.84 12.97 -22.12
C GLU A 102 17.14 13.00 -23.62
N LYS A 103 17.36 11.82 -24.20
CA LYS A 103 17.56 11.70 -25.65
C LYS A 103 16.27 11.90 -26.43
N LYS A 104 15.28 11.03 -26.20
CA LYS A 104 14.01 11.16 -26.88
C LYS A 104 12.90 11.06 -25.85
N PHE A 105 12.27 12.19 -25.55
CA PHE A 105 11.25 12.18 -24.52
C PHE A 105 9.97 11.52 -25.05
N ARG A 106 9.34 10.70 -24.20
CA ARG A 106 8.03 10.13 -24.48
C ARG A 106 7.18 10.28 -23.22
N LEU A 107 6.01 10.89 -23.39
CA LEU A 107 5.09 11.11 -22.27
C LEU A 107 4.71 9.82 -21.54
N ASP A 108 4.39 8.76 -22.26
CA ASP A 108 3.97 7.52 -21.59
C ASP A 108 5.09 6.88 -20.78
N ILE A 109 6.30 6.91 -21.32
CA ILE A 109 7.45 6.38 -20.59
C ILE A 109 7.75 7.24 -19.33
N PHE A 110 7.67 8.55 -19.49
CA PHE A 110 7.85 9.47 -18.36
C PHE A 110 6.87 9.17 -17.22
N LYS A 111 5.61 8.91 -17.56
CA LYS A 111 4.66 8.51 -16.53
C LYS A 111 5.07 7.20 -15.84
N ASP A 112 5.61 6.23 -16.59
CA ASP A 112 6.10 5.00 -15.95
C ASP A 112 7.29 5.30 -15.01
N PHE A 113 8.15 6.23 -15.43
CA PHE A 113 9.33 6.65 -14.65
C PHE A 113 8.86 7.18 -13.31
N GLN A 114 7.84 8.03 -13.32
CA GLN A 114 7.28 8.54 -12.06
C GLN A 114 6.74 7.41 -11.20
N GLU A 115 6.02 6.47 -11.82
CA GLU A 115 5.43 5.34 -11.12
C GLU A 115 6.52 4.51 -10.47
N GLU A 116 7.50 4.08 -11.25
CA GLU A 116 8.56 3.22 -10.68
C GLU A 116 9.43 3.93 -9.65
N THR A 117 9.59 5.26 -9.80
CA THR A 117 10.40 6.01 -8.85
C THR A 117 9.74 6.11 -7.46
N VAL A 118 8.46 6.42 -7.43
CA VAL A 118 7.75 6.50 -6.14
C VAL A 118 7.80 5.16 -5.43
N LYS A 119 7.55 4.07 -6.16
CA LYS A 119 7.57 2.75 -5.55
C LYS A 119 8.98 2.45 -5.02
N ASP A 120 10.00 2.81 -5.80
CA ASP A 120 11.40 2.54 -5.40
C ASP A 120 11.69 3.31 -4.13
N TYR A 121 11.28 4.57 -4.08
CA TYR A 121 11.50 5.38 -2.88
C TYR A 121 10.76 4.80 -1.68
N GLU A 122 9.51 4.37 -1.86
CA GLU A 122 8.73 3.89 -0.72
C GLU A 122 9.24 2.56 -0.22
N ALA A 123 10.00 1.87 -1.06
CA ALA A 123 10.64 0.63 -0.66
C ALA A 123 11.97 0.90 0.06
N GLY A 124 12.26 2.16 0.36
CA GLY A 124 13.47 2.48 1.10
C GLY A 124 14.73 2.70 0.27
N GLN A 125 14.59 2.83 -1.05
CA GLN A 125 15.76 2.97 -1.93
C GLN A 125 15.86 4.39 -2.47
N LEU A 126 17.04 4.79 -2.93
CA LEU A 126 17.21 6.13 -3.49
C LEU A 126 17.72 6.09 -4.93
N TYR A 127 18.05 4.90 -5.42
CA TYR A 127 18.55 4.78 -6.79
C TYR A 127 17.60 5.39 -7.82
N GLY A 128 16.31 5.04 -7.74
CA GLY A 128 15.32 5.58 -8.66
C GLY A 128 15.13 7.09 -8.48
N LEU A 129 14.99 7.54 -7.24
CA LEU A 129 14.80 8.97 -7.00
C LEU A 129 15.95 9.82 -7.58
N GLU A 130 17.20 9.40 -7.35
CA GLU A 130 18.34 10.14 -7.90
C GLU A 130 18.28 10.20 -9.40
N LYS A 131 18.06 9.05 -10.04
CA LYS A 131 17.92 9.04 -11.50
C LYS A 131 16.77 9.92 -11.95
N PHE A 132 15.69 9.95 -11.19
CA PHE A 132 14.54 10.77 -11.59
C PHE A 132 14.94 12.24 -11.49
N TRP A 133 15.61 12.60 -10.39
CA TRP A 133 16.05 13.99 -10.23
C TRP A 133 17.10 14.40 -11.27
N ALA A 134 18.11 13.55 -11.49
CA ALA A 134 19.13 13.82 -12.49
C ALA A 134 18.51 14.18 -13.85
N PHE A 135 17.43 13.51 -14.22
CA PHE A 135 16.73 13.84 -15.47
C PHE A 135 15.90 15.11 -15.37
N LEU A 136 15.09 15.21 -14.32
CA LEU A 136 14.07 16.26 -14.24
C LEU A 136 14.71 17.63 -14.08
N LYS A 137 15.80 17.65 -13.33
CA LYS A 137 16.49 18.89 -13.00
C LYS A 137 16.86 19.68 -14.26
N TYR A 138 17.20 18.96 -15.32
CA TYR A 138 17.70 19.57 -16.55
C TYR A 138 16.74 19.44 -17.75
N SER A 139 15.46 19.19 -17.49
CA SER A 139 14.51 18.96 -18.57
C SER A 139 13.27 19.83 -18.44
N LYS A 140 12.65 20.23 -19.57
CA LYS A 140 11.36 20.90 -19.48
C LYS A 140 10.27 19.97 -18.93
N ALA A 141 10.58 18.68 -18.78
CA ALA A 141 9.64 17.75 -18.14
C ALA A 141 9.31 18.18 -16.71
N LYS A 142 10.18 18.97 -16.09
CA LYS A 142 9.92 19.44 -14.73
C LYS A 142 8.65 20.29 -14.70
N ASN A 143 8.23 20.81 -15.85
CA ASN A 143 7.01 21.60 -15.92
C ASN A 143 5.76 20.80 -16.26
N LEU A 144 5.89 19.48 -16.28
CA LEU A 144 4.75 18.63 -16.56
C LEU A 144 4.07 18.35 -15.24
N ASP A 145 2.88 17.76 -15.30
CA ASP A 145 2.20 17.33 -14.09
C ASP A 145 2.97 16.20 -13.38
N ILE A 146 3.52 16.50 -12.21
CA ILE A 146 4.30 15.51 -11.45
C ILE A 146 3.45 14.95 -10.30
N ASP A 147 3.50 13.63 -10.10
CA ASP A 147 2.88 13.02 -8.92
C ASP A 147 3.21 13.91 -7.70
N PRO A 148 2.18 14.38 -6.97
CA PRO A 148 2.44 15.34 -5.89
C PRO A 148 3.20 14.68 -4.75
N LYS A 149 3.07 13.37 -4.61
CA LYS A 149 3.84 12.66 -3.59
C LYS A 149 5.32 12.61 -4.01
N LEU A 150 5.57 12.41 -5.29
CA LEU A 150 6.95 12.39 -5.81
C LEU A 150 7.59 13.75 -5.59
N GLN A 151 6.79 14.80 -5.80
CA GLN A 151 7.28 16.16 -5.63
C GLN A 151 7.75 16.44 -4.21
N GLU A 152 7.05 15.89 -3.22
CA GLU A 152 7.49 16.02 -1.84
C GLU A 152 8.79 15.24 -1.66
N TYR A 153 8.85 14.00 -2.14
CA TYR A 153 10.09 13.22 -2.05
C TYR A 153 11.27 13.97 -2.68
N LEU A 154 11.04 14.67 -3.78
CA LEU A 154 12.09 15.45 -4.45
C LEU A 154 12.48 16.66 -3.63
N GLY A 155 11.54 17.17 -2.84
CA GLY A 155 11.81 18.29 -1.95
C GLY A 155 12.93 17.91 -0.99
N LYS A 156 12.81 16.73 -0.40
CA LYS A 156 13.90 16.20 0.40
C LYS A 156 15.01 15.75 -0.55
N PHE A 157 15.60 16.72 -1.24
CA PHE A 157 16.78 16.50 -2.07
C PHE A 157 17.44 17.86 -2.17
N ARG A 158 17.85 18.37 -1.00
CA ARG A 158 18.43 19.70 -0.90
C ARG A 158 19.91 19.65 -0.49
N ARG A 159 20.72 20.46 -1.16
CA ARG A 159 22.17 20.36 -1.09
C ARG A 159 22.85 21.72 -0.94
N GLN B 12 -16.01 8.06 -15.76
CA GLN B 12 -15.10 7.19 -15.03
C GLN B 12 -14.57 7.91 -13.78
N HIS B 13 -15.25 7.69 -12.65
CA HIS B 13 -14.72 8.11 -11.36
C HIS B 13 -13.38 7.40 -11.14
N PRO B 14 -12.39 8.08 -10.54
CA PRO B 14 -11.04 7.48 -10.38
C PRO B 14 -11.07 6.13 -9.70
N SER B 15 -11.93 5.95 -8.71
CA SER B 15 -11.97 4.67 -7.99
C SER B 15 -12.31 3.52 -8.92
N HIS B 16 -13.23 3.74 -9.85
CA HIS B 16 -13.53 2.75 -10.88
C HIS B 16 -12.27 2.36 -11.67
N GLU B 17 -11.60 3.37 -12.25
CA GLU B 17 -10.34 3.18 -12.96
C GLU B 17 -9.29 2.46 -12.11
N LEU B 18 -9.09 2.92 -10.88
CA LEU B 18 -8.04 2.37 -10.03
C LEU B 18 -8.31 0.92 -9.62
N LEU B 19 -9.57 0.50 -9.69
CA LEU B 19 -9.94 -0.85 -9.23
C LEU B 19 -9.77 -1.93 -10.31
N LYS B 20 -9.64 -1.51 -11.56
CA LYS B 20 -9.48 -2.43 -12.68
C LYS B 20 -8.17 -3.19 -12.60
N GLU B 21 -8.12 -4.38 -13.21
CA GLU B 21 -6.87 -5.11 -13.29
C GLU B 21 -5.88 -4.23 -14.02
N ASN B 22 -4.67 -4.12 -13.46
CA ASN B 22 -3.61 -3.28 -14.03
C ASN B 22 -3.98 -1.81 -14.27
N GLY B 23 -5.02 -1.32 -13.59
CA GLY B 23 -5.49 0.04 -13.81
C GLY B 23 -5.04 1.01 -12.74
N PHE B 24 -4.34 0.51 -11.74
CA PHE B 24 -3.89 1.33 -10.63
C PHE B 24 -2.58 2.02 -10.99
N THR B 25 -2.49 3.32 -10.69
CA THR B 25 -1.19 4.00 -10.70
C THR B 25 -1.09 4.87 -9.47
N GLN B 26 0.14 5.05 -9.00
CA GLN B 26 0.38 5.85 -7.82
C GLN B 26 -0.08 7.29 -8.05
N HIS B 27 0.17 7.82 -9.25
CA HIS B 27 -0.10 9.24 -9.50
C HIS B 27 -1.61 9.52 -9.45
N VAL B 28 -2.39 8.77 -10.23
CA VAL B 28 -3.85 8.87 -10.17
C VAL B 28 -4.38 8.63 -8.75
N TYR B 29 -3.82 7.66 -8.05
CA TYR B 29 -4.26 7.39 -6.69
C TYR B 29 -3.92 8.54 -5.73
N HIS B 30 -2.73 9.14 -5.86
CA HIS B 30 -2.40 10.25 -4.97
C HIS B 30 -3.29 11.46 -5.19
N LYS B 31 -3.58 11.79 -6.45
CA LYS B 31 -4.44 12.93 -6.74
C LYS B 31 -5.83 12.70 -6.14
N TYR B 32 -6.35 11.48 -6.31
CA TYR B 32 -7.68 11.13 -5.83
C TYR B 32 -7.74 11.14 -4.29
N ARG B 33 -6.75 10.49 -3.67
CA ARG B 33 -6.63 10.46 -2.22
C ARG B 33 -6.56 11.87 -1.64
N ARG B 34 -5.76 12.73 -2.25
CA ARG B 34 -5.60 14.09 -1.76
C ARG B 34 -6.89 14.90 -1.89
N ARG B 35 -7.59 14.73 -3.02
CA ARG B 35 -8.89 15.38 -3.21
C ARG B 35 -9.91 14.94 -2.15
N CYS B 36 -9.96 13.64 -1.83
CA CYS B 36 -10.91 13.13 -0.84
C CYS B 36 -10.59 13.63 0.58
N LEU B 37 -9.32 13.57 0.98
CA LEU B 37 -8.94 14.05 2.31
C LEU B 37 -9.15 15.55 2.40
N ASN B 38 -8.90 16.24 1.29
CA ASN B 38 -9.11 17.68 1.27
C ASN B 38 -10.58 18.01 1.42
N GLU B 39 -11.45 17.21 0.81
CA GLU B 39 -12.89 17.44 0.93
C GLU B 39 -13.36 17.19 2.37
N ARG B 40 -12.89 16.09 2.96
CA ARG B 40 -13.17 15.79 4.36
C ARG B 40 -12.74 16.92 5.31
N LYS B 41 -11.53 17.41 5.12
CA LYS B 41 -11.04 18.56 5.88
C LYS B 41 -11.90 19.82 5.67
N ARG B 42 -12.40 20.02 4.44
N ARG B 42 -12.39 20.02 4.44
CA ARG B 42 -13.23 21.19 4.13
CA ARG B 42 -13.22 21.19 4.13
C ARG B 42 -14.61 21.07 4.73
C ARG B 42 -14.61 21.07 4.73
N LEU B 43 -15.21 19.90 4.57
CA LEU B 43 -16.64 19.73 4.89
C LEU B 43 -16.90 19.18 6.29
N GLY B 44 -15.86 18.61 6.90
CA GLY B 44 -16.04 18.02 8.22
C GLY B 44 -16.10 16.50 8.19
N ILE B 45 -15.79 15.88 9.33
CA ILE B 45 -15.87 14.43 9.45
C ILE B 45 -17.23 13.93 9.00
N GLY B 46 -17.24 12.92 8.13
CA GLY B 46 -18.48 12.29 7.71
C GLY B 46 -19.38 13.11 6.80
N GLN B 47 -18.89 14.26 6.34
CA GLN B 47 -19.68 15.13 5.48
C GLN B 47 -19.28 15.06 4.01
N SER B 48 -18.34 14.16 3.69
CA SER B 48 -17.81 14.11 2.33
C SER B 48 -18.17 12.81 1.61
N GLN B 49 -19.02 12.90 0.60
CA GLN B 49 -19.35 11.74 -0.22
C GLN B 49 -18.13 11.20 -0.95
N GLU B 50 -17.27 12.10 -1.42
CA GLU B 50 -16.02 11.67 -2.06
C GLU B 50 -15.20 10.84 -1.08
N MSE B 51 -15.22 11.22 0.19
CA MSE B 51 -14.46 10.45 1.16
C MSE B 51 -15.06 9.05 1.25
O MSE B 51 -14.34 8.06 1.40
CB MSE B 51 -14.49 11.11 2.53
CG MSE B 51 -13.66 10.37 3.54
SE MSE B 51 -11.72 10.50 3.18
CE MSE B 51 -11.36 8.66 3.67
N ASN B 52 -16.38 8.97 1.17
CA ASN B 52 -17.06 7.68 1.20
C ASN B 52 -16.62 6.78 0.04
N THR B 53 -16.43 7.36 -1.15
CA THR B 53 -15.97 6.55 -2.28
C THR B 53 -14.59 6.01 -2.02
N LEU B 54 -13.77 6.79 -1.32
CA LEU B 54 -12.41 6.36 -0.96
C LEU B 54 -12.41 5.21 0.06
N PHE B 55 -13.27 5.26 1.06
CA PHE B 55 -13.42 4.11 1.98
C PHE B 55 -13.81 2.85 1.23
N ARG B 56 -14.72 3.01 0.28
CA ARG B 56 -15.17 1.89 -0.55
C ARG B 56 -14.04 1.36 -1.45
N PHE B 57 -13.30 2.27 -2.08
CA PHE B 57 -12.17 1.86 -2.90
C PHE B 57 -11.19 1.03 -2.08
N TRP B 58 -10.82 1.54 -0.91
CA TRP B 58 -9.91 0.85 -0.04
C TRP B 58 -10.42 -0.54 0.32
N SER B 59 -11.70 -0.62 0.66
CA SER B 59 -12.29 -1.86 1.18
C SER B 59 -12.10 -2.95 0.15
N PHE B 60 -12.28 -2.57 -1.10
CA PHE B 60 -12.21 -3.51 -2.23
C PHE B 60 -10.77 -3.76 -2.68
N PHE B 61 -10.03 -2.67 -2.91
CA PHE B 61 -8.66 -2.75 -3.45
C PHE B 61 -7.70 -3.56 -2.55
N LEU B 62 -7.78 -3.34 -1.25
CA LEU B 62 -6.87 -4.02 -0.32
C LEU B 62 -7.07 -5.53 -0.26
N ARG B 63 -8.19 -6.03 -0.79
CA ARG B 63 -8.43 -7.47 -0.77
C ARG B 63 -7.42 -8.17 -1.66
N ASP B 64 -7.31 -7.72 -2.90
CA ASP B 64 -6.38 -8.33 -3.86
C ASP B 64 -5.04 -7.60 -3.99
N HIS B 65 -4.94 -6.36 -3.49
CA HIS B 65 -3.70 -5.60 -3.60
C HIS B 65 -3.29 -4.96 -2.28
N PHE B 66 -3.07 -5.78 -1.27
CA PHE B 66 -2.77 -5.31 0.06
C PHE B 66 -1.55 -4.40 0.11
N ASN B 67 -1.73 -3.25 0.73
CA ASN B 67 -0.64 -2.32 0.96
C ASN B 67 -0.75 -1.87 2.42
N LYS B 68 0.31 -2.07 3.17
CA LYS B 68 0.28 -1.87 4.62
C LYS B 68 -0.04 -0.42 5.01
N LYS B 69 0.64 0.55 4.38
CA LYS B 69 0.43 1.96 4.74
C LYS B 69 -0.99 2.43 4.42
N MSE B 70 -1.49 1.96 3.29
CA MSE B 70 -2.84 2.30 2.85
C MSE B 70 -3.88 1.69 3.80
O MSE B 70 -4.79 2.40 4.26
CB MSE B 70 -3.04 1.78 1.43
CG MSE B 70 -4.29 2.26 0.79
SE MSE B 70 -4.42 1.53 -1.05
CE MSE B 70 -2.81 2.26 -1.84
N TYR B 71 -3.71 0.42 4.16
CA TYR B 71 -4.56 -0.20 5.16
C TYR B 71 -4.59 0.60 6.46
N GLU B 72 -3.42 1.03 6.93
CA GLU B 72 -3.32 1.71 8.22
C GLU B 72 -4.03 3.04 8.18
N GLU B 73 -3.94 3.74 7.05
CA GLU B 73 -4.63 5.02 6.94
C GLU B 73 -6.16 4.78 6.88
N PHE B 74 -6.57 3.78 6.10
CA PHE B 74 -7.98 3.34 6.00
C PHE B 74 -8.52 3.13 7.42
N LYS B 75 -7.81 2.34 8.21
CA LYS B 75 -8.29 2.01 9.54
C LYS B 75 -8.37 3.25 10.45
N GLN B 76 -7.35 4.09 10.37
CA GLN B 76 -7.31 5.28 11.21
C GLN B 76 -8.48 6.22 10.94
N LEU B 77 -8.74 6.50 9.66
CA LEU B 77 -9.82 7.41 9.31
C LEU B 77 -11.20 6.80 9.57
N ALA B 78 -11.34 5.49 9.35
CA ALA B 78 -12.58 4.79 9.67
C ALA B 78 -12.90 4.96 11.17
N LEU B 79 -11.90 4.72 12.02
CA LEU B 79 -12.11 4.88 13.46
C LEU B 79 -12.45 6.32 13.86
N GLU B 80 -11.78 7.30 13.27
CA GLU B 80 -12.08 8.71 13.53
C GLU B 80 -13.53 9.04 13.15
N ASP B 81 -13.95 8.62 11.96
CA ASP B 81 -15.33 8.87 11.54
C ASP B 81 -16.33 8.17 12.48
N ALA B 82 -16.03 6.94 12.88
CA ALA B 82 -16.96 6.21 13.74
C ALA B 82 -17.12 6.88 15.12
N LYS B 83 -16.04 7.50 15.61
CA LYS B 83 -16.11 8.22 16.88
C LYS B 83 -17.16 9.31 16.84
N GLU B 84 -17.36 9.89 15.66
CA GLU B 84 -18.29 10.99 15.50
C GLU B 84 -19.64 10.50 14.99
N GLY B 85 -19.81 9.18 14.91
CA GLY B 85 -21.13 8.62 14.62
C GLY B 85 -21.36 8.30 13.15
N TYR B 86 -20.35 8.54 12.32
CA TYR B 86 -20.47 8.20 10.90
C TYR B 86 -19.86 6.82 10.62
N ARG B 87 -20.72 5.84 10.38
CA ARG B 87 -20.28 4.45 10.40
C ARG B 87 -19.64 3.93 9.12
N TYR B 88 -19.88 4.58 7.97
CA TYR B 88 -19.59 3.94 6.68
C TYR B 88 -18.16 3.47 6.56
N GLY B 89 -17.23 4.31 6.98
CA GLY B 89 -15.82 3.94 6.94
C GLY B 89 -15.55 2.65 7.70
N LEU B 90 -16.03 2.58 8.94
CA LEU B 90 -15.84 1.36 9.74
C LEU B 90 -16.57 0.14 9.13
N GLU B 91 -17.75 0.38 8.56
CA GLU B 91 -18.48 -0.69 7.86
C GLU B 91 -17.63 -1.24 6.69
N CYS B 92 -17.06 -0.34 5.89
CA CYS B 92 -16.14 -0.76 4.82
C CYS B 92 -14.95 -1.56 5.36
N LEU B 93 -14.45 -1.14 6.52
CA LEU B 93 -13.32 -1.81 7.17
C LEU B 93 -13.70 -3.24 7.58
N PHE B 94 -14.82 -3.37 8.30
CA PHE B 94 -15.27 -4.71 8.67
C PHE B 94 -15.53 -5.60 7.47
N ARG B 95 -16.07 -5.04 6.39
CA ARG B 95 -16.23 -5.81 5.17
C ARG B 95 -14.87 -6.20 4.57
N TYR B 96 -13.93 -5.28 4.61
CA TYR B 96 -12.60 -5.60 4.13
C TYR B 96 -12.07 -6.76 4.96
N TYR B 97 -12.26 -6.70 6.28
CA TYR B 97 -11.78 -7.78 7.16
C TYR B 97 -12.41 -9.12 6.85
N SER B 98 -13.74 -9.14 6.84
CA SER B 98 -14.50 -10.38 6.75
C SER B 98 -14.35 -11.07 5.40
N TYR B 99 -14.40 -10.30 4.32
CA TYR B 99 -14.33 -10.90 2.99
C TYR B 99 -12.86 -11.08 2.65
N GLY B 100 -12.05 -10.06 2.94
CA GLY B 100 -10.63 -10.11 2.62
C GLY B 100 -9.87 -11.26 3.29
N LEU B 101 -10.11 -11.49 4.57
CA LEU B 101 -9.40 -12.55 5.26
C LEU B 101 -9.85 -13.92 4.74
N GLU B 102 -11.09 -14.02 4.27
CA GLU B 102 -11.61 -15.29 3.75
C GLU B 102 -10.91 -15.68 2.44
N LYS B 103 -10.48 -14.68 1.68
CA LYS B 103 -9.81 -14.92 0.40
C LYS B 103 -8.31 -15.11 0.60
N LYS B 104 -7.72 -14.32 1.51
CA LYS B 104 -6.32 -14.48 1.85
C LYS B 104 -6.09 -14.16 3.33
N PHE B 105 -5.85 -15.20 4.12
CA PHE B 105 -5.58 -15.03 5.55
C PHE B 105 -4.25 -14.33 5.83
N ARG B 106 -4.30 -13.28 6.64
CA ARG B 106 -3.08 -12.66 7.18
C ARG B 106 -3.24 -12.57 8.69
N LEU B 107 -2.24 -13.06 9.42
CA LEU B 107 -2.31 -13.13 10.87
C LEU B 107 -2.49 -11.76 11.52
N ASP B 108 -1.61 -10.81 11.18
CA ASP B 108 -1.67 -9.46 11.73
C ASP B 108 -3.06 -8.84 11.51
N ILE B 109 -3.57 -8.97 10.29
CA ILE B 109 -4.89 -8.43 9.94
C ILE B 109 -5.98 -9.13 10.75
N PHE B 110 -5.86 -10.45 10.90
CA PHE B 110 -6.83 -11.19 11.69
C PHE B 110 -6.84 -10.71 13.14
N LYS B 111 -5.66 -10.40 13.68
CA LYS B 111 -5.56 -9.90 15.04
C LYS B 111 -6.17 -8.49 15.18
N ASP B 112 -5.94 -7.65 14.19
CA ASP B 112 -6.63 -6.37 14.11
C ASP B 112 -8.16 -6.57 14.04
N PHE B 113 -8.59 -7.50 13.21
CA PHE B 113 -10.02 -7.79 13.03
C PHE B 113 -10.62 -8.09 14.40
N GLN B 114 -9.99 -8.97 15.15
CA GLN B 114 -10.45 -9.27 16.51
C GLN B 114 -10.56 -8.02 17.40
N GLU B 115 -9.52 -7.19 17.41
CA GLU B 115 -9.48 -6.02 18.29
C GLU B 115 -10.57 -5.00 17.91
N GLU B 116 -10.73 -4.71 16.62
CA GLU B 116 -11.77 -3.77 16.20
C GLU B 116 -13.17 -4.32 16.46
N THR B 117 -13.32 -5.63 16.29
CA THR B 117 -14.60 -6.24 16.59
C THR B 117 -14.96 -6.11 18.08
N VAL B 118 -14.01 -6.44 18.96
CA VAL B 118 -14.22 -6.28 20.40
C VAL B 118 -14.60 -4.82 20.72
N LYS B 119 -13.88 -3.85 20.15
CA LYS B 119 -14.20 -2.45 20.39
C LYS B 119 -15.61 -2.11 19.91
N ASP B 120 -15.96 -2.60 18.73
CA ASP B 120 -17.24 -2.29 18.10
C ASP B 120 -18.39 -2.84 18.97
N TYR B 121 -18.19 -4.04 19.49
CA TYR B 121 -19.19 -4.67 20.34
C TYR B 121 -19.34 -3.94 21.66
N GLU B 122 -18.22 -3.53 22.25
CA GLU B 122 -18.26 -2.86 23.56
C GLU B 122 -18.79 -1.42 23.43
N ALA B 123 -18.79 -0.90 22.20
CA ALA B 123 -19.37 0.42 21.96
C ALA B 123 -20.86 0.27 21.64
N GLY B 124 -21.39 -0.94 21.81
CA GLY B 124 -22.81 -1.20 21.60
C GLY B 124 -23.27 -1.32 20.14
N GLN B 125 -22.46 -1.97 19.30
CA GLN B 125 -22.84 -2.21 17.93
C GLN B 125 -22.74 -3.71 17.68
N LEU B 126 -23.31 -4.20 16.59
CA LEU B 126 -23.26 -5.61 16.29
C LEU B 126 -22.80 -5.83 14.85
N TYR B 127 -22.53 -4.73 14.14
CA TYR B 127 -22.09 -4.84 12.76
C TYR B 127 -20.79 -5.63 12.67
N GLY B 128 -19.79 -5.22 13.45
CA GLY B 128 -18.50 -5.88 13.47
C GLY B 128 -18.61 -7.32 13.92
N LEU B 129 -19.36 -7.58 14.97
CA LEU B 129 -19.43 -8.93 15.51
C LEU B 129 -20.06 -9.87 14.48
N GLU B 130 -21.07 -9.38 13.77
CA GLU B 130 -21.72 -10.23 12.76
C GLU B 130 -20.74 -10.47 11.61
N LYS B 131 -19.98 -9.46 11.23
CA LYS B 131 -18.92 -9.66 10.25
C LYS B 131 -17.84 -10.66 10.71
N PHE B 132 -17.47 -10.60 12.00
CA PHE B 132 -16.51 -11.57 12.51
C PHE B 132 -17.10 -12.98 12.48
N TRP B 133 -18.34 -13.11 12.96
CA TRP B 133 -19.03 -14.39 12.95
C TRP B 133 -19.11 -14.97 11.53
N ALA B 134 -19.45 -14.10 10.58
CA ALA B 134 -19.56 -14.55 9.18
C ALA B 134 -18.22 -15.08 8.68
N PHE B 135 -17.14 -14.36 8.97
CA PHE B 135 -15.81 -14.83 8.59
C PHE B 135 -15.51 -16.25 9.11
N LEU B 136 -15.76 -16.50 10.39
CA LEU B 136 -15.58 -17.84 10.96
C LEU B 136 -16.41 -18.90 10.22
N LYS B 137 -17.66 -18.57 9.88
CA LYS B 137 -18.54 -19.54 9.20
C LYS B 137 -18.01 -20.02 7.84
N TYR B 138 -17.42 -19.12 7.06
CA TYR B 138 -17.01 -19.47 5.70
C TYR B 138 -15.52 -19.70 5.55
N SER B 139 -14.75 -19.37 6.57
CA SER B 139 -13.33 -19.68 6.58
C SER B 139 -13.08 -21.19 6.76
N LEU B 144 -7.25 -21.50 14.97
CA LEU B 144 -7.27 -20.05 15.20
C LEU B 144 -7.25 -19.69 16.69
N ASP B 145 -6.53 -18.65 17.06
CA ASP B 145 -6.52 -18.20 18.45
C ASP B 145 -7.35 -16.93 18.59
N ILE B 146 -8.56 -17.07 19.09
CA ILE B 146 -9.52 -15.98 19.15
C ILE B 146 -9.60 -15.42 20.58
N ASP B 147 -9.50 -14.09 20.69
CA ASP B 147 -9.65 -13.36 21.95
C ASP B 147 -10.75 -13.97 22.83
N PRO B 148 -10.38 -14.38 24.07
CA PRO B 148 -11.34 -15.05 24.96
C PRO B 148 -12.60 -14.22 25.19
N LYS B 149 -12.49 -12.90 25.32
CA LYS B 149 -13.70 -12.10 25.51
C LYS B 149 -14.54 -12.07 24.24
N LEU B 150 -13.87 -12.00 23.09
CA LEU B 150 -14.55 -12.06 21.81
C LEU B 150 -15.31 -13.38 21.71
N GLN B 151 -14.71 -14.47 22.20
CA GLN B 151 -15.42 -15.75 22.21
C GLN B 151 -16.68 -15.69 23.07
N GLU B 152 -16.61 -14.96 24.19
CA GLU B 152 -17.80 -14.84 25.02
C GLU B 152 -18.87 -14.09 24.24
N TYR B 153 -18.47 -13.01 23.60
CA TYR B 153 -19.41 -12.22 22.82
C TYR B 153 -20.01 -13.05 21.66
N LEU B 154 -19.18 -13.85 20.99
CA LEU B 154 -19.65 -14.69 19.88
C LEU B 154 -20.66 -15.73 20.33
N GLY B 155 -20.39 -16.34 21.48
CA GLY B 155 -21.23 -17.39 22.00
C GLY B 155 -22.63 -16.88 22.34
N LYS B 156 -22.71 -15.63 22.76
CA LYS B 156 -23.99 -15.07 23.18
C LYS B 156 -24.84 -14.68 21.97
N PHE B 157 -24.18 -14.43 20.86
CA PHE B 157 -24.83 -13.92 19.66
C PHE B 157 -25.24 -15.07 18.73
N HIS C 13 21.37 22.94 5.11
CA HIS C 13 21.59 21.60 5.65
C HIS C 13 23.08 21.37 5.94
N PRO C 14 23.38 20.83 7.15
CA PRO C 14 24.75 20.67 7.64
C PRO C 14 25.65 19.96 6.66
N SER C 15 25.12 18.94 5.97
CA SER C 15 25.91 18.13 5.03
C SER C 15 26.46 18.94 3.85
N HIS C 16 25.69 19.93 3.41
CA HIS C 16 26.14 20.85 2.36
C HIS C 16 27.29 21.69 2.91
N GLU C 17 27.02 22.35 4.05
CA GLU C 17 28.00 23.20 4.72
C GLU C 17 29.32 22.48 5.03
N LEU C 18 29.24 21.25 5.52
CA LEU C 18 30.45 20.50 5.92
C LEU C 18 31.30 20.06 4.71
N LEU C 19 30.68 19.96 3.53
CA LEU C 19 31.43 19.59 2.33
C LEU C 19 32.19 20.77 1.71
N LYS C 20 31.66 21.98 1.85
CA LYS C 20 32.29 23.18 1.33
C LYS C 20 33.72 23.27 1.81
N GLU C 21 34.62 23.71 0.93
CA GLU C 21 36.02 23.88 1.33
C GLU C 21 36.09 24.84 2.51
N ASN C 22 36.93 24.52 3.51
CA ASN C 22 36.98 25.26 4.77
C ASN C 22 35.65 25.30 5.53
N GLY C 23 34.74 24.39 5.21
CA GLY C 23 33.44 24.38 5.84
C GLY C 23 33.30 23.36 6.94
N PHE C 24 34.24 22.40 6.99
CA PHE C 24 34.16 21.36 8.00
C PHE C 24 34.50 21.90 9.38
N THR C 25 33.67 21.51 10.34
CA THR C 25 33.92 21.77 11.73
C THR C 25 33.51 20.54 12.53
N GLN C 26 34.32 20.19 13.52
CA GLN C 26 34.05 19.02 14.34
C GLN C 26 32.73 19.15 15.08
N HIS C 27 32.47 20.33 15.63
CA HIS C 27 31.26 20.56 16.39
C HIS C 27 29.98 20.32 15.58
N VAL C 28 29.89 20.91 14.40
CA VAL C 28 28.70 20.76 13.56
C VAL C 28 28.61 19.31 13.06
N TYR C 29 29.77 18.73 12.73
CA TYR C 29 29.79 17.35 12.25
C TYR C 29 29.24 16.36 13.28
N HIS C 30 29.75 16.44 14.50
CA HIS C 30 29.33 15.55 15.58
C HIS C 30 27.83 15.64 15.91
N LYS C 31 27.31 16.86 16.01
CA LYS C 31 25.88 17.05 16.25
C LYS C 31 25.11 16.46 15.08
N TYR C 32 25.61 16.69 13.88
CA TYR C 32 24.96 16.20 12.66
C TYR C 32 24.97 14.67 12.64
N ARG C 33 26.13 14.09 12.90
CA ARG C 33 26.25 12.65 12.96
C ARG C 33 25.33 11.99 14.01
N ARG C 34 25.24 12.56 15.22
CA ARG C 34 24.33 12.01 16.24
C ARG C 34 22.88 12.06 15.80
N ARG C 35 22.44 13.21 15.29
CA ARG C 35 21.07 13.37 14.80
C ARG C 35 20.72 12.27 13.78
N CYS C 36 21.62 12.00 12.83
CA CYS C 36 21.33 11.00 11.80
C CYS C 36 21.29 9.58 12.38
N LEU C 37 22.28 9.27 13.21
CA LEU C 37 22.34 7.97 13.85
C LEU C 37 21.14 7.80 14.77
N ASN C 38 20.74 8.86 15.47
CA ASN C 38 19.56 8.73 16.31
C ASN C 38 18.32 8.41 15.50
N GLU C 39 18.17 9.02 14.33
CA GLU C 39 16.98 8.75 13.55
C GLU C 39 16.98 7.29 13.08
N ARG C 40 18.16 6.77 12.74
CA ARG C 40 18.29 5.37 12.32
C ARG C 40 17.91 4.41 13.46
N LYS C 41 18.38 4.70 14.66
CA LYS C 41 18.04 3.91 15.85
C LYS C 41 16.53 3.94 16.08
N ARG C 42 15.98 5.15 16.01
CA ARG C 42 14.60 5.41 16.33
C ARG C 42 13.62 4.83 15.28
N LEU C 43 13.90 5.06 14.00
CA LEU C 43 12.99 4.62 12.92
C LEU C 43 13.34 3.24 12.33
N GLY C 44 14.61 2.87 12.39
CA GLY C 44 15.03 1.58 11.87
C GLY C 44 15.86 1.66 10.59
N ILE C 45 16.64 0.59 10.37
CA ILE C 45 17.45 0.44 9.15
C ILE C 45 16.62 0.68 7.89
N GLY C 46 17.11 1.59 7.04
CA GLY C 46 16.47 1.92 5.78
C GLY C 46 15.23 2.80 5.90
N GLN C 47 14.97 3.32 7.09
CA GLN C 47 13.77 4.13 7.35
C GLN C 47 14.12 5.59 7.68
N SER C 48 15.37 5.96 7.46
CA SER C 48 15.84 7.28 7.87
C SER C 48 16.43 8.05 6.71
N GLN C 49 15.76 9.10 6.24
CA GLN C 49 16.36 9.92 5.18
C GLN C 49 17.55 10.69 5.74
N GLU C 50 17.51 11.01 7.02
CA GLU C 50 18.67 11.68 7.59
C GLU C 50 19.89 10.74 7.53
N MSE C 51 19.68 9.45 7.77
CA MSE C 51 20.80 8.52 7.68
C MSE C 51 21.34 8.54 6.25
O MSE C 51 22.55 8.51 6.03
CB MSE C 51 20.42 7.09 8.07
CG MSE C 51 21.59 6.10 8.06
SE MSE C 51 22.98 6.57 9.40
CE MSE C 51 24.54 6.42 8.24
N ASN C 52 20.44 8.59 5.27
CA ASN C 52 20.84 8.63 3.87
C ASN C 52 21.70 9.85 3.54
N THR C 53 21.40 11.01 4.14
CA THR C 53 22.25 12.18 3.89
C THR C 53 23.65 12.02 4.46
N LEU C 54 23.77 11.31 5.59
CA LEU C 54 25.08 11.08 6.18
C LEU C 54 25.91 10.09 5.32
N PHE C 55 25.27 9.03 4.82
CA PHE C 55 25.90 8.13 3.86
C PHE C 55 26.45 8.93 2.69
N ARG C 56 25.63 9.84 2.18
CA ARG C 56 26.01 10.67 1.05
C ARG C 56 27.18 11.57 1.44
N PHE C 57 27.07 12.18 2.62
CA PHE C 57 28.11 13.06 3.09
C PHE C 57 29.46 12.37 3.17
N TRP C 58 29.47 11.21 3.80
CA TRP C 58 30.68 10.43 3.91
C TRP C 58 31.25 10.15 2.53
N SER C 59 30.37 9.74 1.62
CA SER C 59 30.81 9.31 0.29
C SER C 59 31.62 10.39 -0.41
N PHE C 60 31.19 11.64 -0.25
CA PHE C 60 31.89 12.77 -0.85
C PHE C 60 33.09 13.23 -0.02
N PHE C 61 32.84 13.49 1.27
CA PHE C 61 33.86 14.06 2.14
C PHE C 61 35.13 13.21 2.12
N LEU C 62 34.98 11.89 2.13
CA LEU C 62 36.13 11.00 2.24
C LEU C 62 37.03 11.00 0.99
N ARG C 63 36.55 11.58 -0.12
CA ARG C 63 37.36 11.61 -1.33
C ARG C 63 38.57 12.53 -1.19
N ASP C 64 38.35 13.74 -0.67
CA ASP C 64 39.42 14.70 -0.49
C ASP C 64 39.94 14.73 0.95
N HIS C 65 39.13 14.25 1.89
CA HIS C 65 39.51 14.35 3.30
C HIS C 65 39.41 13.00 3.98
N PHE C 66 39.99 11.97 3.38
CA PHE C 66 39.91 10.63 3.95
C PHE C 66 40.40 10.59 5.39
N ASN C 67 39.69 9.86 6.22
CA ASN C 67 40.22 9.46 7.52
C ASN C 67 39.60 8.11 7.84
N LYS C 68 40.38 7.25 8.50
CA LYS C 68 39.95 5.89 8.81
C LYS C 68 38.66 5.87 9.63
N LYS C 69 38.60 6.71 10.65
CA LYS C 69 37.50 6.67 11.61
C LYS C 69 36.13 6.76 10.95
N MSE C 70 35.96 7.75 10.08
CA MSE C 70 34.69 7.90 9.39
C MSE C 70 34.51 6.80 8.37
O MSE C 70 33.40 6.32 8.17
CB MSE C 70 34.61 9.22 8.65
CG MSE C 70 34.45 10.42 9.54
SE MSE C 70 34.25 12.02 8.38
CE MSE C 70 34.66 13.33 9.76
N TYR C 71 35.61 6.44 7.70
CA TYR C 71 35.52 5.40 6.69
C TYR C 71 35.02 4.07 7.26
N GLU C 72 35.61 3.62 8.36
CA GLU C 72 35.22 2.35 8.98
C GLU C 72 33.77 2.33 9.39
N GLU C 73 33.26 3.45 9.91
CA GLU C 73 31.87 3.51 10.32
C GLU C 73 30.97 3.53 9.11
N PHE C 74 31.33 4.32 8.11
CA PHE C 74 30.68 4.34 6.80
C PHE C 74 30.54 2.91 6.22
N LYS C 75 31.64 2.19 6.11
CA LYS C 75 31.60 0.84 5.53
C LYS C 75 30.71 -0.10 6.36
N GLN C 76 30.82 -0.04 7.68
CA GLN C 76 30.08 -0.95 8.55
C GLN C 76 28.59 -0.71 8.42
N LEU C 77 28.18 0.54 8.52
CA LEU C 77 26.77 0.89 8.42
C LEU C 77 26.20 0.56 7.04
N ALA C 78 26.98 0.81 5.98
CA ALA C 78 26.49 0.51 4.62
C ALA C 78 26.26 -1.00 4.47
N LEU C 79 27.17 -1.81 5.00
CA LEU C 79 27.00 -3.26 4.99
C LEU C 79 25.80 -3.70 5.84
N GLU C 80 25.58 -3.07 6.99
CA GLU C 80 24.40 -3.41 7.80
C GLU C 80 23.11 -3.18 7.04
N ASP C 81 23.02 -2.05 6.34
CA ASP C 81 21.83 -1.72 5.59
C ASP C 81 21.66 -2.69 4.44
N ALA C 82 22.76 -2.94 3.72
CA ALA C 82 22.73 -3.82 2.55
C ALA C 82 22.24 -5.23 2.91
N LYS C 83 22.62 -5.70 4.09
CA LYS C 83 22.22 -7.03 4.59
C LYS C 83 20.69 -7.13 4.68
N GLU C 84 20.03 -6.02 4.96
CA GLU C 84 18.58 -5.99 5.08
C GLU C 84 17.93 -5.51 3.78
N GLY C 85 18.72 -5.41 2.70
CA GLY C 85 18.18 -5.06 1.38
C GLY C 85 18.16 -3.58 1.03
N TYR C 86 18.61 -2.73 1.95
CA TYR C 86 18.61 -1.30 1.69
C TYR C 86 19.96 -0.89 1.12
N ARG C 87 19.97 -0.52 -0.15
CA ARG C 87 21.23 -0.41 -0.86
C ARG C 87 21.90 0.97 -0.96
N TYR C 88 21.23 2.03 -0.53
CA TYR C 88 21.83 3.36 -0.71
C TYR C 88 23.23 3.53 -0.08
N GLY C 89 23.38 3.11 1.18
CA GLY C 89 24.68 3.21 1.83
C GLY C 89 25.77 2.50 1.05
N LEU C 90 25.53 1.27 0.65
CA LEU C 90 26.52 0.50 -0.09
C LEU C 90 26.76 1.12 -1.48
N GLU C 91 25.69 1.62 -2.10
CA GLU C 91 25.84 2.35 -3.35
C GLU C 91 26.76 3.56 -3.16
N CYS C 92 26.55 4.33 -2.09
CA CYS C 92 27.44 5.48 -1.77
C CYS C 92 28.88 5.02 -1.53
N LEU C 93 29.03 3.84 -0.94
CA LEU C 93 30.36 3.29 -0.65
C LEU C 93 31.06 2.91 -1.96
N PHE C 94 30.33 2.29 -2.88
CA PHE C 94 30.92 1.95 -4.16
C PHE C 94 31.29 3.18 -5.00
N ARG C 95 30.50 4.25 -4.88
CA ARG C 95 30.87 5.49 -5.57
C ARG C 95 32.11 6.14 -4.94
N TYR C 96 32.19 6.13 -3.61
CA TYR C 96 33.38 6.62 -2.94
C TYR C 96 34.62 5.85 -3.44
N TYR C 97 34.52 4.51 -3.50
CA TYR C 97 35.64 3.70 -3.96
C TYR C 97 36.00 4.05 -5.38
N SER C 98 35.02 3.95 -6.28
CA SER C 98 35.32 4.04 -7.70
C SER C 98 35.78 5.42 -8.12
N TYR C 99 35.11 6.46 -7.61
CA TYR C 99 35.47 7.84 -7.96
C TYR C 99 36.63 8.35 -7.07
N GLY C 100 36.61 7.99 -5.79
CA GLY C 100 37.65 8.45 -4.88
C GLY C 100 39.04 7.93 -5.24
N LEU C 101 39.09 6.70 -5.72
CA LEU C 101 40.38 6.06 -5.98
C LEU C 101 40.96 6.53 -7.31
N GLU C 102 40.09 6.92 -8.24
CA GLU C 102 40.54 7.53 -9.49
C GLU C 102 41.21 8.87 -9.22
N LYS C 103 40.73 9.60 -8.22
CA LYS C 103 41.34 10.89 -7.90
C LYS C 103 42.54 10.72 -6.98
N LYS C 104 42.41 9.84 -6.00
CA LYS C 104 43.49 9.60 -5.05
C LYS C 104 43.61 8.12 -4.76
N PHE C 105 44.54 7.45 -5.42
CA PHE C 105 44.72 6.02 -5.18
C PHE C 105 45.28 5.70 -3.79
N ARG C 106 44.70 4.71 -3.12
CA ARG C 106 45.20 4.21 -1.83
C ARG C 106 45.17 2.69 -1.84
N LEU C 107 46.29 2.07 -1.46
CA LEU C 107 46.45 0.63 -1.59
C LEU C 107 45.48 -0.14 -0.69
N ASP C 108 45.37 0.27 0.57
CA ASP C 108 44.46 -0.38 1.52
C ASP C 108 42.98 -0.24 1.13
N ILE C 109 42.60 0.94 0.64
CA ILE C 109 41.21 1.14 0.25
C ILE C 109 40.92 0.35 -1.02
N PHE C 110 41.92 0.22 -1.90
CA PHE C 110 41.73 -0.54 -3.12
C PHE C 110 41.44 -2.01 -2.80
N LYS C 111 42.17 -2.57 -1.84
CA LYS C 111 41.90 -3.92 -1.36
C LYS C 111 40.47 -4.06 -0.83
N ASP C 112 40.03 -3.11 0.00
CA ASP C 112 38.64 -3.11 0.46
C ASP C 112 37.65 -3.08 -0.73
N PHE C 113 37.93 -2.21 -1.71
CA PHE C 113 37.13 -2.12 -2.94
C PHE C 113 36.98 -3.51 -3.58
N GLN C 114 38.10 -4.24 -3.71
CA GLN C 114 38.04 -5.57 -4.29
C GLN C 114 37.23 -6.52 -3.45
N GLU C 115 37.49 -6.47 -2.14
CA GLU C 115 36.80 -7.31 -1.19
C GLU C 115 35.28 -7.05 -1.22
N GLU C 116 34.87 -5.79 -1.23
CA GLU C 116 33.43 -5.52 -1.21
C GLU C 116 32.78 -5.83 -2.55
N THR C 117 33.54 -5.66 -3.63
CA THR C 117 33.03 -5.96 -4.97
C THR C 117 32.75 -7.47 -5.12
N VAL C 118 33.68 -8.29 -4.63
CA VAL C 118 33.52 -9.72 -4.66
C VAL C 118 32.28 -10.15 -3.87
N LYS C 119 32.08 -9.55 -2.70
CA LYS C 119 30.88 -9.87 -1.92
C LYS C 119 29.60 -9.43 -2.65
N ASP C 120 29.63 -8.25 -3.27
CA ASP C 120 28.46 -7.71 -3.96
C ASP C 120 28.11 -8.61 -5.14
N TYR C 121 29.12 -9.03 -5.91
CA TYR C 121 28.91 -9.89 -7.08
C TYR C 121 28.39 -11.26 -6.68
N GLU C 122 28.99 -11.85 -5.66
CA GLU C 122 28.57 -13.18 -5.19
C GLU C 122 27.19 -13.16 -4.54
N ALA C 123 26.74 -11.99 -4.08
CA ALA C 123 25.37 -11.86 -3.61
C ALA C 123 24.41 -11.57 -4.80
N GLY C 124 24.89 -11.72 -6.04
CA GLY C 124 24.03 -11.55 -7.20
C GLY C 124 23.65 -10.11 -7.54
N GLN C 125 24.54 -9.16 -7.25
CA GLN C 125 24.34 -7.77 -7.67
C GLN C 125 25.42 -7.41 -8.66
N LEU C 126 25.21 -6.36 -9.46
CA LEU C 126 26.27 -5.91 -10.36
C LEU C 126 26.70 -4.45 -10.17
N TYR C 127 26.07 -3.73 -9.22
CA TYR C 127 26.45 -2.33 -8.99
C TYR C 127 27.94 -2.17 -8.65
N GLY C 128 28.42 -2.94 -7.68
CA GLY C 128 29.83 -2.94 -7.33
C GLY C 128 30.76 -3.35 -8.46
N LEU C 129 30.45 -4.48 -9.12
CA LEU C 129 31.32 -4.97 -10.19
C LEU C 129 31.51 -3.93 -11.29
N GLU C 130 30.41 -3.28 -11.71
CA GLU C 130 30.50 -2.26 -12.73
C GLU C 130 31.31 -1.04 -12.29
N LYS C 131 31.13 -0.63 -11.03
CA LYS C 131 31.95 0.45 -10.46
C LYS C 131 33.43 0.07 -10.44
N PHE C 132 33.70 -1.22 -10.26
CA PHE C 132 35.07 -1.67 -10.24
C PHE C 132 35.66 -1.68 -11.65
N TRP C 133 34.88 -2.19 -12.60
CA TRP C 133 35.24 -2.12 -14.02
C TRP C 133 35.45 -0.68 -14.44
N ALA C 134 34.52 0.20 -14.08
CA ALA C 134 34.64 1.60 -14.46
C ALA C 134 35.93 2.21 -13.90
N PHE C 135 36.25 1.90 -12.65
CA PHE C 135 37.48 2.41 -12.07
C PHE C 135 38.73 2.00 -12.88
N LEU C 136 38.81 0.73 -13.25
CA LEU C 136 39.95 0.25 -14.05
C LEU C 136 40.04 0.98 -15.39
N LYS C 137 38.88 1.31 -15.95
CA LYS C 137 38.84 2.03 -17.23
C LYS C 137 39.44 3.42 -17.10
N TYR C 138 39.20 4.09 -15.97
CA TYR C 138 39.58 5.48 -15.82
C TYR C 138 40.88 5.68 -15.03
N SER C 139 41.28 4.68 -14.26
CA SER C 139 42.45 4.85 -13.40
C SER C 139 43.73 4.95 -14.22
N LYS C 140 44.64 5.81 -13.77
CA LYS C 140 45.95 5.93 -14.39
C LYS C 140 47.00 5.08 -13.67
N ALA C 141 46.59 4.51 -12.53
CA ALA C 141 47.48 3.68 -11.73
C ALA C 141 47.97 2.47 -12.52
N LYS C 142 49.28 2.19 -12.46
CA LYS C 142 49.84 1.04 -13.18
C LYS C 142 50.12 -0.10 -12.20
N ASN C 143 50.17 -1.31 -12.73
CA ASN C 143 50.53 -2.48 -11.95
C ASN C 143 49.64 -2.67 -10.71
N LEU C 144 48.33 -2.65 -10.94
CA LEU C 144 47.36 -3.03 -9.93
C LEU C 144 47.33 -4.55 -9.73
N ASP C 145 47.49 -5.00 -8.49
CA ASP C 145 47.36 -6.42 -8.18
C ASP C 145 45.89 -6.78 -7.95
N ILE C 146 45.25 -7.32 -8.97
CA ILE C 146 43.83 -7.66 -8.86
C ILE C 146 43.62 -9.10 -8.39
N ASP C 147 42.72 -9.26 -7.42
CA ASP C 147 42.30 -10.57 -6.93
C ASP C 147 41.92 -11.44 -8.14
N PRO C 148 42.53 -12.65 -8.22
CA PRO C 148 42.28 -13.61 -9.30
C PRO C 148 40.80 -13.92 -9.51
N LYS C 149 40.03 -14.09 -8.43
CA LYS C 149 38.61 -14.38 -8.55
C LYS C 149 37.90 -13.19 -9.21
N LEU C 150 38.27 -11.99 -8.78
CA LEU C 150 37.70 -10.77 -9.36
C LEU C 150 38.04 -10.61 -10.86
N GLN C 151 39.26 -10.97 -11.25
CA GLN C 151 39.68 -10.95 -12.66
C GLN C 151 38.69 -11.75 -13.48
N GLU C 152 38.30 -12.90 -12.96
CA GLU C 152 37.35 -13.77 -13.65
C GLU C 152 36.02 -13.07 -13.75
N TYR C 153 35.52 -12.60 -12.61
CA TYR C 153 34.20 -11.95 -12.55
C TYR C 153 34.11 -10.83 -13.57
N LEU C 154 35.18 -10.06 -13.69
CA LEU C 154 35.28 -8.97 -14.66
C LEU C 154 35.27 -9.48 -16.10
N GLY C 155 35.84 -10.67 -16.29
CA GLY C 155 35.88 -11.30 -17.61
C GLY C 155 34.50 -11.57 -18.20
N LYS C 156 33.54 -11.90 -17.34
CA LYS C 156 32.19 -12.21 -17.80
C LYS C 156 31.37 -10.94 -18.07
N PHE C 157 31.82 -9.82 -17.53
CA PHE C 157 31.03 -8.59 -17.60
C PHE C 157 31.18 -7.88 -18.94
N GLN D 12 -36.20 -23.01 24.14
CA GLN D 12 -34.94 -22.28 24.26
C GLN D 12 -35.22 -20.83 24.63
N HIS D 13 -34.59 -19.91 23.90
CA HIS D 13 -34.85 -18.47 24.05
C HIS D 13 -36.13 -18.13 23.30
N PRO D 14 -36.95 -17.22 23.87
CA PRO D 14 -38.24 -16.88 23.26
C PRO D 14 -38.17 -16.34 21.83
N SER D 15 -37.10 -15.64 21.47
CA SER D 15 -36.91 -15.22 20.08
C SER D 15 -36.96 -16.43 19.14
N HIS D 16 -36.26 -17.51 19.49
CA HIS D 16 -36.32 -18.75 18.71
C HIS D 16 -37.75 -19.32 18.68
N GLU D 17 -38.27 -19.67 19.85
CA GLU D 17 -39.60 -20.28 20.00
C GLU D 17 -40.74 -19.56 19.25
N LEU D 18 -40.72 -18.24 19.32
CA LEU D 18 -41.77 -17.41 18.71
C LEU D 18 -41.60 -17.28 17.19
N LEU D 19 -40.38 -17.53 16.71
CA LEU D 19 -40.07 -17.44 15.29
C LEU D 19 -40.37 -18.74 14.55
N LYS D 20 -40.50 -19.81 15.33
CA LYS D 20 -40.83 -21.11 14.79
C LYS D 20 -42.23 -21.11 14.17
N GLU D 21 -42.63 -22.29 13.69
CA GLU D 21 -43.89 -22.47 12.99
C GLU D 21 -45.00 -22.69 14.01
N ASN D 22 -46.00 -21.81 14.01
CA ASN D 22 -47.07 -21.85 15.01
C ASN D 22 -46.53 -21.98 16.43
N GLY D 23 -45.46 -21.23 16.72
CA GLY D 23 -44.84 -21.26 18.03
C GLY D 23 -44.95 -19.93 18.74
N PHE D 24 -45.59 -18.97 18.08
CA PHE D 24 -45.79 -17.63 18.62
C PHE D 24 -47.04 -17.58 19.48
N THR D 25 -46.87 -17.40 20.80
CA THR D 25 -48.00 -17.09 21.67
C THR D 25 -48.01 -15.61 22.02
N GLN D 26 -49.18 -15.09 22.36
CA GLN D 26 -49.27 -13.75 22.87
C GLN D 26 -48.64 -13.68 24.25
N HIS D 27 -48.97 -14.67 25.09
CA HIS D 27 -48.44 -14.73 26.46
C HIS D 27 -46.90 -14.65 26.52
N VAL D 28 -46.21 -15.49 25.76
CA VAL D 28 -44.74 -15.51 25.81
C VAL D 28 -44.15 -14.24 25.19
N TYR D 29 -44.75 -13.78 24.07
CA TYR D 29 -44.28 -12.56 23.42
C TYR D 29 -44.39 -11.34 24.32
N HIS D 30 -45.54 -11.18 24.97
CA HIS D 30 -45.79 -9.99 25.80
C HIS D 30 -44.78 -9.91 26.94
N LYS D 31 -44.50 -11.05 27.56
CA LYS D 31 -43.51 -11.14 28.63
C LYS D 31 -42.09 -10.85 28.11
N TYR D 32 -41.72 -11.56 27.05
CA TYR D 32 -40.41 -11.39 26.41
C TYR D 32 -40.16 -9.93 26.07
N ARG D 33 -41.13 -9.33 25.37
CA ARG D 33 -41.04 -7.92 24.99
C ARG D 33 -40.89 -6.98 26.21
N ARG D 34 -41.72 -7.20 27.23
CA ARG D 34 -41.66 -6.41 28.46
C ARG D 34 -40.28 -6.52 29.14
N ARG D 35 -39.72 -7.73 29.18
CA ARG D 35 -38.37 -7.89 29.70
C ARG D 35 -37.35 -7.08 28.89
N CYS D 36 -37.45 -7.13 27.57
CA CYS D 36 -36.46 -6.46 26.72
C CYS D 36 -36.53 -4.94 26.88
N LEU D 37 -37.75 -4.38 26.87
CA LEU D 37 -37.92 -2.94 27.02
C LEU D 37 -37.41 -2.50 28.40
N ASN D 38 -37.67 -3.33 29.42
CA ASN D 38 -37.20 -3.03 30.76
C ASN D 38 -35.68 -3.04 30.84
N GLU D 39 -35.05 -4.01 30.19
CA GLU D 39 -33.59 -4.04 30.16
C GLU D 39 -33.03 -2.82 29.43
N ARG D 40 -33.71 -2.38 28.37
CA ARG D 40 -33.23 -1.23 27.62
C ARG D 40 -33.25 0.00 28.52
N LYS D 41 -34.37 0.18 29.21
CA LYS D 41 -34.49 1.32 30.13
C LYS D 41 -33.49 1.18 31.28
N ARG D 42 -33.32 -0.03 31.79
CA ARG D 42 -32.44 -0.25 32.93
C ARG D 42 -30.96 -0.08 32.58
N LEU D 43 -30.53 -0.66 31.47
CA LEU D 43 -29.10 -0.64 31.11
C LEU D 43 -28.74 0.51 30.20
N GLY D 44 -29.74 1.06 29.50
CA GLY D 44 -29.46 2.13 28.53
C GLY D 44 -29.53 1.71 27.07
N ILE D 45 -29.86 2.67 26.22
CA ILE D 45 -29.96 2.45 24.78
C ILE D 45 -28.70 1.78 24.27
N GLY D 46 -28.85 0.67 23.56
CA GLY D 46 -27.72 -0.01 22.98
C GLY D 46 -26.89 -0.88 23.92
N GLN D 47 -27.27 -0.93 25.20
CA GLN D 47 -26.50 -1.69 26.19
C GLN D 47 -27.13 -3.04 26.51
N SER D 48 -28.35 -3.24 26.07
CA SER D 48 -29.01 -4.50 26.37
C SER D 48 -28.96 -5.44 25.16
N GLN D 49 -28.27 -6.58 25.31
CA GLN D 49 -28.27 -7.61 24.26
C GLN D 49 -29.64 -8.26 24.08
N GLU D 50 -30.39 -8.39 25.18
N GLU D 50 -30.39 -8.40 25.17
CA GLU D 50 -31.75 -8.89 25.10
CA GLU D 50 -31.75 -8.91 25.05
C GLU D 50 -32.56 -8.01 24.15
C GLU D 50 -32.58 -8.01 24.14
N MSE D 51 -32.43 -6.70 24.29
CA MSE D 51 -33.10 -5.77 23.39
C MSE D 51 -32.68 -6.04 21.94
O MSE D 51 -33.51 -6.01 21.04
CB MSE D 51 -32.79 -4.31 23.74
CG MSE D 51 -33.57 -3.31 22.92
SE MSE D 51 -35.52 -3.52 23.15
CE MSE D 51 -36.02 -3.04 21.31
N ASN D 52 -31.39 -6.30 21.72
CA ASN D 52 -30.91 -6.64 20.38
C ASN D 52 -31.60 -7.89 19.82
N THR D 53 -31.86 -8.87 20.67
CA THR D 53 -32.52 -10.09 20.18
C THR D 53 -33.93 -9.76 19.73
N LEU D 54 -34.53 -8.76 20.37
CA LEU D 54 -35.90 -8.39 20.05
C LEU D 54 -35.93 -7.67 18.70
N PHE D 55 -34.95 -6.79 18.47
CA PHE D 55 -34.83 -6.13 17.17
C PHE D 55 -34.70 -7.16 16.08
N ARG D 56 -33.84 -8.16 16.31
CA ARG D 56 -33.65 -9.22 15.32
C ARG D 56 -34.91 -10.06 15.17
N PHE D 57 -35.58 -10.39 16.28
CA PHE D 57 -36.84 -11.12 16.20
C PHE D 57 -37.82 -10.41 15.28
N TRP D 58 -37.99 -9.11 15.49
CA TRP D 58 -38.95 -8.32 14.72
C TRP D 58 -38.60 -8.36 13.26
N SER D 59 -37.31 -8.28 12.97
CA SER D 59 -36.79 -8.18 11.60
C SER D 59 -37.26 -9.35 10.74
N PHE D 60 -37.25 -10.54 11.34
CA PHE D 60 -37.62 -11.74 10.60
C PHE D 60 -39.10 -12.04 10.69
N PHE D 61 -39.65 -11.96 11.91
CA PHE D 61 -41.04 -12.33 12.16
C PHE D 61 -42.00 -11.52 11.29
N LEU D 62 -41.70 -10.24 11.13
CA LEU D 62 -42.58 -9.33 10.40
C LEU D 62 -42.71 -9.63 8.91
N ARG D 63 -41.69 -10.29 8.36
CA ARG D 63 -41.71 -10.67 6.95
C ARG D 63 -42.87 -11.60 6.62
N ASP D 64 -43.10 -12.59 7.47
CA ASP D 64 -44.16 -13.57 7.23
C ASP D 64 -45.41 -13.32 8.06
N HIS D 65 -45.24 -12.63 9.18
CA HIS D 65 -46.38 -12.36 10.04
C HIS D 65 -46.48 -10.88 10.34
N PHE D 66 -46.82 -10.07 9.34
CA PHE D 66 -46.89 -8.63 9.56
C PHE D 66 -47.92 -8.29 10.62
N ASN D 67 -47.61 -7.28 11.42
CA ASN D 67 -48.50 -6.76 12.44
C ASN D 67 -48.21 -5.28 12.52
N LYS D 68 -49.22 -4.44 12.32
CA LYS D 68 -48.97 -3.02 12.16
C LYS D 68 -48.45 -2.37 13.44
N LYS D 69 -49.04 -2.76 14.57
CA LYS D 69 -48.60 -2.23 15.87
C LYS D 69 -47.14 -2.60 16.14
N MSE D 70 -46.79 -3.83 15.77
CA MSE D 70 -45.46 -4.35 16.03
C MSE D 70 -44.44 -3.64 15.13
O MSE D 70 -43.40 -3.15 15.62
CB MSE D 70 -45.44 -5.85 15.79
CG MSE D 70 -44.30 -6.57 16.45
SE MSE D 70 -44.46 -8.51 16.22
CE MSE D 70 -45.99 -8.82 17.42
N TYR D 71 -44.75 -3.56 13.84
CA TYR D 71 -43.89 -2.85 12.89
C TYR D 71 -43.62 -1.39 13.29
N GLU D 72 -44.65 -0.70 13.79
CA GLU D 72 -44.54 0.72 14.13
C GLU D 72 -43.67 0.94 15.36
N GLU D 73 -43.77 0.03 16.32
CA GLU D 73 -42.93 0.09 17.51
C GLU D 73 -41.46 -0.21 17.16
N PHE D 74 -41.24 -1.31 16.43
CA PHE D 74 -39.93 -1.70 15.89
C PHE D 74 -39.28 -0.49 15.23
N LYS D 75 -40.03 0.18 14.35
CA LYS D 75 -39.50 1.35 13.65
C LYS D 75 -39.15 2.48 14.62
N GLN D 76 -40.12 2.84 15.47
CA GLN D 76 -39.91 3.90 16.47
C GLN D 76 -38.68 3.66 17.36
N LEU D 77 -38.56 2.45 17.92
CA LEU D 77 -37.39 2.13 18.74
C LEU D 77 -36.08 2.13 17.94
N ALA D 78 -36.09 1.56 16.73
CA ALA D 78 -34.87 1.56 15.91
C ALA D 78 -34.37 2.99 15.65
N LEU D 79 -35.30 3.90 15.37
CA LEU D 79 -34.93 5.28 15.09
C LEU D 79 -34.43 5.99 16.34
N GLU D 80 -35.07 5.74 17.48
CA GLU D 80 -34.59 6.28 18.76
C GLU D 80 -33.15 5.85 19.05
N ASP D 81 -32.86 4.56 18.90
CA ASP D 81 -31.51 4.06 19.19
C ASP D 81 -30.51 4.69 18.24
N ALA D 82 -30.89 4.80 16.97
CA ALA D 82 -29.96 5.27 15.93
C ALA D 82 -29.67 6.75 16.09
N LYS D 83 -30.65 7.53 16.55
CA LYS D 83 -30.38 8.91 16.90
C LYS D 83 -29.27 9.02 17.95
N GLU D 84 -29.19 8.06 18.87
CA GLU D 84 -28.14 8.10 19.88
C GLU D 84 -26.85 7.46 19.38
N GLY D 85 -26.89 6.97 18.15
CA GLY D 85 -25.70 6.41 17.51
C GLY D 85 -25.63 4.90 17.54
N TYR D 86 -26.65 4.25 18.09
CA TYR D 86 -26.65 2.78 18.20
C TYR D 86 -27.49 2.17 17.09
N ARG D 87 -26.80 1.55 16.12
CA ARG D 87 -27.42 1.30 14.82
C ARG D 87 -28.12 -0.05 14.56
N TYR D 88 -27.99 -1.00 15.49
CA TYR D 88 -28.43 -2.36 15.21
C TYR D 88 -29.93 -2.47 14.90
N GLY D 89 -30.75 -1.81 15.72
CA GLY D 89 -32.18 -1.80 15.49
C GLY D 89 -32.49 -1.30 14.08
N LEU D 90 -31.85 -0.20 13.69
CA LEU D 90 -32.08 0.37 12.36
C LEU D 90 -31.52 -0.51 11.25
N GLU D 91 -30.38 -1.14 11.51
CA GLU D 91 -29.84 -2.11 10.55
C GLU D 91 -30.84 -3.25 10.41
N CYS D 92 -31.39 -3.72 11.53
CA CYS D 92 -32.41 -4.75 11.47
C CYS D 92 -33.62 -4.29 10.66
N LEU D 93 -34.01 -3.03 10.82
CA LEU D 93 -35.18 -2.48 10.14
C LEU D 93 -34.94 -2.47 8.63
N PHE D 94 -33.73 -2.08 8.24
CA PHE D 94 -33.37 -2.02 6.82
C PHE D 94 -33.29 -3.39 6.17
N ARG D 95 -32.87 -4.38 6.93
CA ARG D 95 -32.88 -5.74 6.40
C ARG D 95 -34.32 -6.23 6.25
N TYR D 96 -35.16 -5.86 7.20
CA TYR D 96 -36.56 -6.21 7.12
C TYR D 96 -37.17 -5.63 5.83
N TYR D 97 -36.93 -4.34 5.58
CA TYR D 97 -37.40 -3.74 4.32
C TYR D 97 -36.87 -4.52 3.10
N SER D 98 -35.55 -4.58 2.99
CA SER D 98 -34.88 -5.13 1.80
C SER D 98 -35.22 -6.59 1.50
N TYR D 99 -35.09 -7.46 2.48
CA TYR D 99 -35.33 -8.89 2.28
C TYR D 99 -36.83 -9.23 2.38
N GLY D 100 -37.55 -8.47 3.20
CA GLY D 100 -38.97 -8.70 3.38
C GLY D 100 -39.81 -8.26 2.19
N LEU D 101 -39.51 -7.08 1.65
CA LEU D 101 -40.24 -6.60 0.48
C LEU D 101 -39.96 -7.42 -0.76
N GLU D 102 -38.76 -7.98 -0.83
CA GLU D 102 -38.38 -8.87 -1.92
C GLU D 102 -39.29 -10.09 -2.01
N LYS D 103 -39.73 -10.58 -0.85
CA LYS D 103 -40.61 -11.75 -0.77
C LYS D 103 -42.09 -11.38 -0.80
N LYS D 104 -42.44 -10.36 -0.04
CA LYS D 104 -43.84 -9.92 0.01
C LYS D 104 -43.88 -8.41 -0.15
N PHE D 105 -44.05 -7.96 -1.39
CA PHE D 105 -44.12 -6.53 -1.66
C PHE D 105 -45.42 -5.94 -1.16
N ARG D 106 -45.32 -4.83 -0.44
CA ARG D 106 -46.47 -3.98 -0.22
C ARG D 106 -46.08 -2.51 -0.30
N LEU D 107 -46.98 -1.71 -0.86
CA LEU D 107 -46.67 -0.34 -1.22
C LEU D 107 -46.36 0.53 -0.01
N ASP D 108 -47.19 0.43 1.02
CA ASP D 108 -47.03 1.27 2.22
C ASP D 108 -45.65 1.08 2.91
N ILE D 109 -45.19 -0.17 2.98
CA ILE D 109 -43.90 -0.50 3.61
C ILE D 109 -42.76 -0.10 2.68
N PHE D 110 -43.01 -0.21 1.38
CA PHE D 110 -42.04 0.26 0.41
C PHE D 110 -41.90 1.78 0.46
N LYS D 111 -42.98 2.48 0.75
CA LYS D 111 -42.94 3.94 0.94
C LYS D 111 -42.08 4.29 2.16
N ASP D 112 -42.29 3.56 3.25
CA ASP D 112 -41.48 3.74 4.46
C ASP D 112 -39.99 3.46 4.19
N PHE D 113 -39.73 2.39 3.42
CA PHE D 113 -38.36 2.01 3.07
C PHE D 113 -37.71 3.22 2.41
N GLN D 114 -38.42 3.85 1.48
CA GLN D 114 -37.88 5.02 0.79
C GLN D 114 -37.61 6.19 1.74
N GLU D 115 -38.61 6.51 2.56
CA GLU D 115 -38.50 7.60 3.53
C GLU D 115 -37.32 7.37 4.48
N GLU D 116 -37.25 6.19 5.09
CA GLU D 116 -36.15 5.92 6.02
C GLU D 116 -34.79 5.87 5.34
N THR D 117 -34.76 5.49 4.07
CA THR D 117 -33.50 5.43 3.35
C THR D 117 -32.98 6.86 3.12
N VAL D 118 -33.88 7.73 2.66
CA VAL D 118 -33.56 9.15 2.44
C VAL D 118 -33.02 9.76 3.73
N LYS D 119 -33.72 9.53 4.85
CA LYS D 119 -33.27 10.00 6.16
C LYS D 119 -31.88 9.44 6.57
N ASP D 120 -31.67 8.14 6.37
CA ASP D 120 -30.39 7.53 6.72
C ASP D 120 -29.27 8.16 5.90
N TYR D 121 -29.55 8.38 4.61
CA TYR D 121 -28.55 8.96 3.74
C TYR D 121 -28.25 10.40 4.16
N GLU D 122 -29.30 11.16 4.45
CA GLU D 122 -29.15 12.57 4.76
C GLU D 122 -28.48 12.79 6.10
N ALA D 123 -28.51 11.75 6.95
CA ALA D 123 -27.76 11.79 8.20
C ALA D 123 -26.31 11.32 8.00
N GLY D 124 -25.90 11.07 6.75
CA GLY D 124 -24.50 10.72 6.49
C GLY D 124 -24.16 9.23 6.56
N GLN D 125 -25.17 8.36 6.49
CA GLN D 125 -24.90 6.92 6.46
C GLN D 125 -25.15 6.38 5.05
N LEU D 126 -24.64 5.18 4.77
CA LEU D 126 -24.89 4.56 3.49
C LEU D 126 -25.53 3.19 3.62
N TYR D 127 -25.65 2.69 4.86
CA TYR D 127 -26.21 1.36 5.09
C TYR D 127 -27.59 1.24 4.47
N GLY D 128 -28.45 2.22 4.73
CA GLY D 128 -29.79 2.20 4.18
C GLY D 128 -29.77 2.27 2.66
N LEU D 129 -28.98 3.20 2.13
CA LEU D 129 -28.94 3.40 0.68
C LEU D 129 -28.53 2.10 -0.02
N GLU D 130 -27.58 1.38 0.57
CA GLU D 130 -27.07 0.15 -0.04
C GLU D 130 -28.14 -0.92 -0.02
N LYS D 131 -28.84 -1.01 1.11
CA LYS D 131 -29.94 -1.94 1.24
C LYS D 131 -31.01 -1.66 0.19
N PHE D 132 -31.21 -0.38 -0.12
CA PHE D 132 -32.23 -0.02 -1.08
C PHE D 132 -31.82 -0.43 -2.50
N TRP D 133 -30.59 -0.07 -2.89
CA TRP D 133 -30.00 -0.45 -4.17
C TRP D 133 -30.13 -1.94 -4.39
N ALA D 134 -29.69 -2.69 -3.38
CA ALA D 134 -29.76 -4.13 -3.38
C ALA D 134 -31.18 -4.63 -3.63
N PHE D 135 -32.17 -4.02 -2.97
CA PHE D 135 -33.55 -4.42 -3.16
C PHE D 135 -33.95 -4.35 -4.64
N LEU D 136 -33.55 -3.26 -5.29
CA LEU D 136 -33.92 -3.06 -6.70
C LEU D 136 -33.30 -4.14 -7.58
N LYS D 137 -32.07 -4.51 -7.28
CA LYS D 137 -31.37 -5.53 -8.07
C LYS D 137 -32.07 -6.90 -7.98
N TYR D 138 -32.60 -7.23 -6.81
CA TYR D 138 -33.22 -8.53 -6.61
C TYR D 138 -34.73 -8.47 -6.81
N ASP D 145 -42.13 3.01 -8.76
CA ASP D 145 -42.04 4.47 -8.62
C ASP D 145 -41.18 4.92 -7.44
N ILE D 146 -40.06 5.57 -7.75
CA ILE D 146 -39.11 5.98 -6.71
C ILE D 146 -39.04 7.49 -6.50
N ASP D 147 -39.10 7.90 -5.24
CA ASP D 147 -38.86 9.27 -4.81
C ASP D 147 -37.66 9.86 -5.56
N PRO D 148 -37.91 10.97 -6.29
CA PRO D 148 -36.92 11.74 -7.05
C PRO D 148 -35.65 12.02 -6.25
N LYS D 149 -35.76 12.47 -5.01
CA LYS D 149 -34.58 12.72 -4.18
C LYS D 149 -33.77 11.43 -4.06
N LEU D 150 -34.44 10.35 -3.71
CA LEU D 150 -33.78 9.06 -3.52
C LEU D 150 -33.10 8.58 -4.81
N GLN D 151 -33.81 8.74 -5.93
CA GLN D 151 -33.27 8.35 -7.23
C GLN D 151 -31.94 9.06 -7.48
N GLU D 152 -31.91 10.36 -7.20
CA GLU D 152 -30.67 11.12 -7.33
C GLU D 152 -29.58 10.57 -6.42
N TYR D 153 -29.92 10.31 -5.16
CA TYR D 153 -28.95 9.73 -4.22
C TYR D 153 -28.37 8.41 -4.75
N LEU D 154 -29.19 7.64 -5.46
CA LEU D 154 -28.71 6.48 -6.22
C LEU D 154 -28.04 6.92 -7.53
S SO4 E . 25.25 5.13 -11.52
O1 SO4 E . 24.68 6.22 -12.31
O2 SO4 E . 25.16 5.46 -10.11
O3 SO4 E . 24.48 3.92 -11.83
O4 SO4 E . 26.64 4.90 -11.87
S SO4 F . -24.49 -6.41 5.39
O1 SO4 F . -25.38 -6.45 4.23
O2 SO4 F . -25.29 -6.31 6.61
O3 SO4 F . -23.70 -7.64 5.44
O4 SO4 F . -23.59 -5.27 5.29
#